data_1J5P
#
_entry.id   1J5P
#
_cell.length_a   63.2
_cell.length_b   63.2
_cell.length_c   126.2
_cell.angle_alpha   90.0
_cell.angle_beta   90.0
_cell.angle_gamma   90.0
#
_symmetry.space_group_name_H-M   'P 41 21 2'
#
loop_
_entity.id
_entity.type
_entity.pdbx_description
1 polymer 'ASPARTATE DEHYDROGENASE'
2 non-polymer NICOTINAMIDE-ADENINE-DINUCLEOTIDE
3 water water
#
_entity_poly.entity_id   1
_entity_poly.type   'polypeptide(L)'
_entity_poly.pdbx_seq_one_letter_code
;MGSDKIHHHHHHMTVLIIGMGNIGKKLVELGNFEKIYAYDRISKDIPGVVRLDEFQVPSDVSTVVECASPEAVKEYSLQI
LKNPVNYIIISTSAFADEVFRERFFSELKNSPARVFFPSGAIGGLDVLSSIKDFVKNVRIETIKPPKSLGLDLKGKTVVF
EGSVEEASKLFPRNINVASTIGLIVGFEKVKVTIVADPAMDHNIHIVRISSAIGNYEFKIENIPSPENPKTSMLTVYSIL
RTLRNLESKIIFG
;
_entity_poly.pdbx_strand_id   A
#
loop_
_chem_comp.id
_chem_comp.type
_chem_comp.name
_chem_comp.formula
NAD non-polymer NICOTINAMIDE-ADENINE-DINUCLEOTIDE 'C21 H27 N7 O14 P2'
#
# COMPACT_ATOMS: atom_id res chain seq x y z
N HIS A 11 6.43 -11.73 19.62
CA HIS A 11 5.49 -11.06 20.57
C HIS A 11 6.08 -9.75 21.06
N HIS A 12 7.33 -9.50 20.69
CA HIS A 12 8.07 -8.33 21.10
C HIS A 12 7.44 -6.94 21.15
N MET A 13 7.45 -6.21 20.03
CA MET A 13 6.96 -4.83 20.03
C MET A 13 5.52 -4.41 20.32
N THR A 14 5.41 -3.12 20.67
CA THR A 14 4.15 -2.44 20.96
C THR A 14 3.89 -1.65 19.69
N VAL A 15 2.69 -1.73 19.17
CA VAL A 15 2.40 -1.05 17.92
C VAL A 15 1.09 -0.31 17.93
N LEU A 16 0.94 0.57 16.95
CA LEU A 16 -0.28 1.33 16.78
C LEU A 16 -0.79 0.96 15.41
N ILE A 17 -2.05 0.55 15.33
CA ILE A 17 -2.63 0.18 14.06
C ILE A 17 -3.77 1.14 13.76
N ILE A 18 -3.67 1.81 12.61
CA ILE A 18 -4.69 2.77 12.20
C ILE A 18 -5.62 2.07 11.21
N GLY A 19 -6.86 1.85 11.63
CA GLY A 19 -7.82 1.17 10.79
C GLY A 19 -7.98 -0.27 11.23
N MET A 20 -9.17 -0.61 11.74
CA MET A 20 -9.46 -1.96 12.19
C MET A 20 -10.49 -2.62 11.28
N GLY A 21 -10.19 -2.58 9.99
CA GLY A 21 -11.05 -3.19 8.99
C GLY A 21 -10.54 -4.57 8.62
N ASN A 22 -10.72 -4.95 7.36
CA ASN A 22 -10.27 -6.25 6.89
C ASN A 22 -8.80 -6.52 7.22
N ILE A 23 -7.93 -5.63 6.79
CA ILE A 23 -6.50 -5.79 7.05
C ILE A 23 -6.12 -5.65 8.52
N GLY A 24 -6.63 -4.61 9.18
CA GLY A 24 -6.32 -4.39 10.58
C GLY A 24 -6.68 -5.55 11.50
N LYS A 25 -7.87 -6.12 11.35
CA LYS A 25 -8.29 -7.23 12.19
C LYS A 25 -7.44 -8.47 11.92
N LYS A 26 -7.06 -8.64 10.65
CA LYS A 26 -6.25 -9.80 10.31
C LYS A 26 -4.86 -9.64 10.92
N LEU A 27 -4.38 -8.40 10.97
CA LEU A 27 -3.07 -8.15 11.56
C LEU A 27 -3.02 -8.50 13.04
N VAL A 28 -4.06 -8.12 13.75
CA VAL A 28 -4.15 -8.39 15.18
C VAL A 28 -4.33 -9.88 15.39
N GLU A 29 -5.08 -10.49 14.49
CA GLU A 29 -5.37 -11.92 14.53
C GLU A 29 -4.11 -12.78 14.30
N LEU A 30 -3.34 -12.42 13.28
CA LEU A 30 -2.14 -13.16 12.92
C LEU A 30 -0.86 -12.70 13.60
N GLY A 31 -0.70 -11.39 13.75
CA GLY A 31 0.52 -10.90 14.36
C GLY A 31 0.62 -11.23 15.84
N ASN A 32 1.83 -11.11 16.38
CA ASN A 32 2.02 -11.35 17.79
C ASN A 32 2.65 -10.08 18.32
N PHE A 33 1.85 -9.35 19.10
CA PHE A 33 2.28 -8.09 19.67
C PHE A 33 2.03 -8.14 21.18
N GLU A 34 2.89 -7.48 21.95
CA GLU A 34 2.73 -7.45 23.39
C GLU A 34 1.62 -6.46 23.73
N LYS A 35 1.48 -5.43 22.91
CA LYS A 35 0.47 -4.41 23.14
C LYS A 35 0.04 -3.75 21.82
N ILE A 36 -1.26 -3.57 21.66
CA ILE A 36 -1.78 -2.97 20.44
C ILE A 36 -2.72 -1.79 20.66
N TYR A 37 -2.33 -0.64 20.14
CA TYR A 37 -3.20 0.53 20.22
C TYR A 37 -3.85 0.52 18.86
N ALA A 38 -5.11 0.93 18.81
CA ALA A 38 -5.83 0.97 17.55
C ALA A 38 -6.72 2.20 17.47
N TYR A 39 -6.74 2.81 16.28
CA TYR A 39 -7.57 3.97 16.06
C TYR A 39 -8.43 3.73 14.83
N ASP A 40 -9.74 3.77 15.01
CA ASP A 40 -10.67 3.57 13.91
C ASP A 40 -12.02 4.18 14.27
N ARG A 41 -12.42 5.19 13.49
CA ARG A 41 -13.68 5.88 13.70
C ARG A 41 -14.86 4.97 14.03
N ILE A 42 -14.83 3.74 13.54
CA ILE A 42 -15.91 2.79 13.77
C ILE A 42 -16.23 2.60 15.25
N SER A 43 -17.38 1.99 15.51
CA SER A 43 -17.85 1.75 16.86
C SER A 43 -17.86 0.27 17.23
N LYS A 44 -17.23 -0.56 16.40
CA LYS A 44 -17.17 -2.00 16.67
C LYS A 44 -16.58 -2.17 18.07
N ASP A 45 -16.92 -3.27 18.73
CA ASP A 45 -16.40 -3.54 20.05
C ASP A 45 -14.99 -4.12 19.91
N ILE A 46 -14.03 -3.40 20.46
CA ILE A 46 -12.63 -3.76 20.43
C ILE A 46 -12.38 -5.14 21.02
N PRO A 47 -11.41 -5.88 20.48
CA PRO A 47 -11.10 -7.21 21.00
C PRO A 47 -9.82 -7.17 21.84
N GLY A 48 -8.71 -7.55 21.21
CA GLY A 48 -7.43 -7.56 21.90
C GLY A 48 -6.65 -6.28 21.67
N VAL A 49 -7.34 -5.14 21.61
CA VAL A 49 -6.65 -3.87 21.39
C VAL A 49 -7.08 -2.77 22.33
N VAL A 50 -6.15 -1.85 22.59
CA VAL A 50 -6.40 -0.69 23.43
C VAL A 50 -7.00 0.32 22.46
N ARG A 51 -8.30 0.52 22.56
CA ARG A 51 -9.03 1.43 21.67
C ARG A 51 -8.84 2.91 22.00
N LEU A 52 -8.08 3.61 21.18
CA LEU A 52 -7.84 5.03 21.39
C LEU A 52 -9.06 5.81 20.95
N ASP A 53 -9.42 6.85 21.69
CA ASP A 53 -10.57 7.68 21.32
C ASP A 53 -10.06 8.88 20.53
N GLU A 54 -8.90 9.39 20.93
CA GLU A 54 -8.29 10.52 20.24
C GLU A 54 -7.04 10.00 19.56
N PHE A 55 -6.86 10.33 18.29
CA PHE A 55 -5.66 9.85 17.61
C PHE A 55 -4.45 10.47 18.27
N GLN A 56 -3.44 9.62 18.50
CA GLN A 56 -2.20 10.03 19.10
C GLN A 56 -1.21 8.90 18.90
N VAL A 57 0.04 9.15 19.26
CA VAL A 57 1.06 8.13 19.11
C VAL A 57 1.68 7.91 20.48
N PRO A 58 1.18 6.92 21.22
CA PRO A 58 1.72 6.63 22.56
C PRO A 58 3.23 6.51 22.51
N SER A 59 3.88 6.99 23.58
CA SER A 59 5.33 6.98 23.68
C SER A 59 5.99 5.62 23.72
N ASP A 60 5.23 4.56 23.93
CA ASP A 60 5.82 3.23 23.95
C ASP A 60 5.63 2.49 22.62
N VAL A 61 5.10 3.20 21.62
CA VAL A 61 4.89 2.60 20.30
C VAL A 61 6.20 2.63 19.51
N SER A 62 6.59 1.49 18.97
CA SER A 62 7.81 1.40 18.17
C SER A 62 7.51 1.39 16.67
N THR A 63 6.30 0.94 16.31
CA THR A 63 5.88 0.88 14.91
C THR A 63 4.43 1.27 14.76
N VAL A 64 4.16 2.06 13.72
CA VAL A 64 2.82 2.50 13.41
C VAL A 64 2.48 1.89 12.07
N VAL A 65 1.32 1.23 12.00
CA VAL A 65 0.87 0.61 10.75
C VAL A 65 -0.41 1.26 10.28
N GLU A 66 -0.39 1.77 9.06
CA GLU A 66 -1.59 2.37 8.50
C GLU A 66 -2.22 1.37 7.54
N CYS A 67 -3.49 1.09 7.76
CA CYS A 67 -4.28 0.19 6.93
C CYS A 67 -5.70 0.67 7.11
N ALA A 68 -5.89 1.95 6.81
CA ALA A 68 -7.16 2.61 6.96
C ALA A 68 -7.66 3.18 5.64
N SER A 69 -6.99 4.22 5.15
CA SER A 69 -7.40 4.85 3.92
C SER A 69 -6.41 5.92 3.50
N PRO A 70 -6.48 6.38 2.24
CA PRO A 70 -5.58 7.42 1.73
C PRO A 70 -5.79 8.70 2.54
N GLU A 71 -7.04 8.96 2.90
CA GLU A 71 -7.39 10.14 3.69
C GLU A 71 -6.68 10.09 5.03
N ALA A 72 -6.62 8.90 5.62
CA ALA A 72 -5.95 8.71 6.90
C ALA A 72 -4.46 9.03 6.78
N VAL A 73 -3.86 8.64 5.66
CA VAL A 73 -2.44 8.91 5.42
C VAL A 73 -2.18 10.43 5.45
N LYS A 74 -3.05 11.18 4.80
CA LYS A 74 -2.88 12.63 4.76
C LYS A 74 -3.15 13.28 6.11
N GLU A 75 -4.11 12.73 6.85
CA GLU A 75 -4.51 13.23 8.18
C GLU A 75 -3.49 13.08 9.32
N TYR A 76 -2.90 11.89 9.43
CA TYR A 76 -2.00 11.62 10.54
C TYR A 76 -0.50 11.57 10.26
N SER A 77 -0.12 11.57 8.99
CA SER A 77 1.30 11.47 8.65
C SER A 77 2.18 12.54 9.26
N LEU A 78 1.70 13.78 9.25
CA LEU A 78 2.44 14.91 9.82
C LEU A 78 2.88 14.56 11.24
N GLN A 79 1.89 14.27 12.08
CA GLN A 79 2.14 13.93 13.47
C GLN A 79 2.99 12.68 13.64
N ILE A 80 2.62 11.60 12.96
CA ILE A 80 3.36 10.36 13.08
C ILE A 80 4.85 10.55 12.84
N LEU A 81 5.19 11.31 11.80
CA LEU A 81 6.59 11.53 11.44
C LEU A 81 7.39 12.26 12.51
N LYS A 82 6.70 12.80 13.50
CA LYS A 82 7.37 13.52 14.59
C LYS A 82 7.86 12.53 15.64
N ASN A 83 7.43 11.29 15.52
CA ASN A 83 7.79 10.23 16.45
C ASN A 83 8.89 9.29 15.93
N PRO A 84 9.73 8.77 16.84
CA PRO A 84 10.81 7.85 16.44
C PRO A 84 10.27 6.44 16.22
N VAL A 85 9.43 6.29 15.21
CA VAL A 85 8.83 5.01 14.90
C VAL A 85 8.99 4.55 13.46
N ASN A 86 8.75 3.26 13.25
CA ASN A 86 8.77 2.68 11.93
C ASN A 86 7.34 2.96 11.52
N TYR A 87 7.15 3.47 10.32
CA TYR A 87 5.84 3.83 9.82
C TYR A 87 5.61 3.08 8.51
N ILE A 88 4.71 2.10 8.56
CA ILE A 88 4.38 1.28 7.39
C ILE A 88 3.09 1.81 6.80
N ILE A 89 3.11 2.12 5.50
CA ILE A 89 1.96 2.67 4.80
C ILE A 89 1.52 1.78 3.63
N ILE A 90 0.22 1.56 3.48
CA ILE A 90 -0.29 0.78 2.37
C ILE A 90 -1.32 1.55 1.54
N SER A 91 -1.89 2.63 2.08
CA SER A 91 -2.85 3.41 1.30
C SER A 91 -2.03 4.43 0.53
N THR A 92 -1.14 3.93 -0.32
CA THR A 92 -0.25 4.79 -1.07
C THR A 92 -0.85 5.68 -2.13
N SER A 93 -2.10 5.43 -2.51
CA SER A 93 -2.75 6.26 -3.52
C SER A 93 -2.78 7.72 -3.04
N ALA A 94 -2.60 7.94 -1.75
CA ALA A 94 -2.58 9.29 -1.19
C ALA A 94 -1.45 10.08 -1.82
N PHE A 95 -0.35 9.42 -2.15
CA PHE A 95 0.80 10.09 -2.72
C PHE A 95 0.64 10.54 -4.17
N ALA A 96 -0.47 10.16 -4.80
CA ALA A 96 -0.74 10.59 -6.17
C ALA A 96 -0.97 12.10 -6.13
N ASP A 97 -1.12 12.63 -4.92
CA ASP A 97 -1.34 14.06 -4.67
C ASP A 97 0.04 14.73 -4.56
N GLU A 98 0.45 15.44 -5.61
CA GLU A 98 1.75 16.10 -5.60
C GLU A 98 2.03 16.95 -4.37
N VAL A 99 1.08 17.78 -3.99
CA VAL A 99 1.25 18.65 -2.84
C VAL A 99 1.56 17.83 -1.59
N PHE A 100 0.70 16.86 -1.30
CA PHE A 100 0.91 16.01 -0.14
C PHE A 100 2.24 15.28 -0.24
N ARG A 101 2.50 14.69 -1.41
CA ARG A 101 3.73 13.94 -1.62
C ARG A 101 4.94 14.81 -1.30
N GLU A 102 4.95 16.03 -1.83
CA GLU A 102 6.06 16.96 -1.60
C GLU A 102 6.19 17.23 -0.10
N ARG A 103 5.06 17.52 0.53
CA ARG A 103 5.04 17.83 1.96
C ARG A 103 5.52 16.65 2.80
N PHE A 104 4.99 15.46 2.52
CA PHE A 104 5.36 14.26 3.28
C PHE A 104 6.87 14.06 3.34
N PHE A 105 7.50 13.94 2.18
CA PHE A 105 8.94 13.70 2.17
C PHE A 105 9.77 14.88 2.64
N SER A 106 9.17 16.06 2.66
CA SER A 106 9.87 17.25 3.14
C SER A 106 10.04 17.04 4.64
N GLU A 107 8.93 16.69 5.29
CA GLU A 107 8.92 16.46 6.74
C GLU A 107 9.85 15.31 7.11
N LEU A 108 9.80 14.25 6.31
CA LEU A 108 10.60 13.06 6.56
C LEU A 108 12.09 13.31 6.72
N LYS A 109 12.63 14.23 5.92
CA LYS A 109 14.06 14.53 5.99
C LYS A 109 14.42 15.02 7.39
N ASN A 110 13.46 15.64 8.05
CA ASN A 110 13.67 16.18 9.39
C ASN A 110 13.05 15.25 10.44
N SER A 111 12.64 14.07 10.01
CA SER A 111 11.98 13.09 10.89
C SER A 111 12.87 12.03 11.53
N PRO A 112 12.55 11.65 12.78
CA PRO A 112 13.31 10.63 13.51
C PRO A 112 12.72 9.27 13.14
N ALA A 113 11.71 9.28 12.27
CA ALA A 113 11.02 8.07 11.85
C ALA A 113 11.62 7.40 10.61
N ARG A 114 11.08 6.22 10.31
CA ARG A 114 11.51 5.45 9.16
C ARG A 114 10.25 4.96 8.47
N VAL A 115 10.16 5.19 7.16
CA VAL A 115 8.98 4.79 6.43
C VAL A 115 9.17 3.56 5.57
N PHE A 116 8.20 2.65 5.65
CA PHE A 116 8.23 1.41 4.88
C PHE A 116 7.01 1.36 3.97
N PHE A 117 7.25 1.00 2.71
CA PHE A 117 6.18 0.85 1.75
C PHE A 117 6.20 -0.59 1.28
N PRO A 118 5.52 -1.49 2.01
CA PRO A 118 5.52 -2.89 1.59
C PRO A 118 4.86 -3.03 0.22
N SER A 119 5.22 -4.09 -0.51
CA SER A 119 4.70 -4.27 -1.86
C SER A 119 3.20 -4.49 -1.90
N GLY A 120 2.62 -4.93 -0.79
CA GLY A 120 1.18 -5.11 -0.76
C GLY A 120 0.57 -6.14 -1.70
N ALA A 121 -0.33 -5.71 -2.57
CA ALA A 121 -1.00 -6.65 -3.47
C ALA A 121 -0.16 -7.08 -4.69
N ILE A 122 1.02 -6.49 -4.87
CA ILE A 122 1.83 -6.92 -6.01
C ILE A 122 3.23 -7.33 -5.58
N GLY A 123 4.07 -7.62 -6.58
CA GLY A 123 5.42 -8.05 -6.29
C GLY A 123 6.38 -7.56 -7.35
N GLY A 124 7.66 -7.88 -7.17
CA GLY A 124 8.66 -7.46 -8.11
C GLY A 124 9.20 -6.11 -7.73
N LEU A 125 8.78 -5.58 -6.59
CA LEU A 125 9.27 -4.27 -6.18
C LEU A 125 10.72 -4.36 -5.67
N ASP A 126 11.23 -5.56 -5.46
CA ASP A 126 12.63 -5.71 -5.07
C ASP A 126 13.44 -5.27 -6.30
N VAL A 127 13.09 -5.82 -7.46
CA VAL A 127 13.77 -5.47 -8.68
C VAL A 127 13.59 -4.00 -9.03
N LEU A 128 12.35 -3.54 -9.01
CA LEU A 128 12.06 -2.15 -9.34
C LEU A 128 12.80 -1.11 -8.52
N SER A 129 12.86 -1.29 -7.21
CA SER A 129 13.55 -0.28 -6.40
C SER A 129 15.04 -0.37 -6.59
N SER A 130 15.53 -1.53 -7.01
CA SER A 130 16.97 -1.72 -7.23
C SER A 130 17.45 -0.97 -8.47
N ILE A 131 16.64 -0.96 -9.52
CA ILE A 131 17.04 -0.29 -10.77
C ILE A 131 16.22 0.93 -11.12
N LYS A 132 15.52 1.50 -10.14
CA LYS A 132 14.64 2.63 -10.35
C LYS A 132 15.14 3.77 -11.25
N ASP A 133 16.41 4.15 -11.11
CA ASP A 133 16.96 5.23 -11.91
C ASP A 133 17.03 4.90 -13.40
N PHE A 134 17.09 3.62 -13.75
CA PHE A 134 17.22 3.19 -15.14
C PHE A 134 15.89 2.83 -15.81
N VAL A 135 14.81 2.94 -15.06
CA VAL A 135 13.49 2.58 -15.56
C VAL A 135 12.98 3.59 -16.59
N LYS A 136 12.63 3.09 -17.77
CA LYS A 136 12.12 3.95 -18.83
C LYS A 136 10.63 4.15 -18.67
N ASN A 137 9.91 3.06 -18.38
CA ASN A 137 8.48 3.18 -18.17
C ASN A 137 7.99 1.92 -17.50
N VAL A 138 6.84 2.04 -16.85
CA VAL A 138 6.20 0.90 -16.21
C VAL A 138 4.74 0.99 -16.64
N ARG A 139 4.22 -0.10 -17.17
CA ARG A 139 2.81 -0.16 -17.58
C ARG A 139 2.17 -1.19 -16.67
N ILE A 140 1.13 -0.80 -15.96
CA ILE A 140 0.45 -1.75 -15.10
C ILE A 140 -0.97 -1.93 -15.58
N GLU A 141 -1.31 -3.18 -15.81
CA GLU A 141 -2.64 -3.52 -16.29
C GLU A 141 -3.36 -4.36 -15.25
N THR A 142 -4.58 -3.95 -14.94
CA THR A 142 -5.43 -4.66 -14.00
C THR A 142 -6.58 -5.19 -14.83
N ILE A 143 -6.74 -6.51 -14.84
CA ILE A 143 -7.82 -7.12 -15.60
C ILE A 143 -8.81 -7.65 -14.59
N LYS A 144 -10.07 -7.25 -14.74
CA LYS A 144 -11.12 -7.65 -13.79
C LYS A 144 -12.34 -8.27 -14.46
N PRO A 145 -13.12 -9.06 -13.69
CA PRO A 145 -14.31 -9.66 -14.27
C PRO A 145 -15.31 -8.51 -14.43
N PRO A 146 -16.02 -8.46 -15.57
CA PRO A 146 -16.99 -7.37 -15.80
C PRO A 146 -17.95 -7.21 -14.62
N LYS A 147 -18.32 -8.35 -14.04
CA LYS A 147 -19.24 -8.36 -12.92
C LYS A 147 -18.77 -7.40 -11.83
N SER A 148 -17.48 -7.41 -11.51
CA SER A 148 -16.93 -6.52 -10.48
C SER A 148 -17.13 -5.05 -10.84
N LEU A 149 -17.45 -4.78 -12.10
CA LEU A 149 -17.66 -3.41 -12.57
C LEU A 149 -19.14 -3.21 -12.89
N GLY A 150 -19.94 -4.24 -12.68
CA GLY A 150 -21.36 -4.16 -12.95
C GLY A 150 -21.63 -4.01 -14.44
N LEU A 151 -20.80 -4.63 -15.26
CA LEU A 151 -20.96 -4.56 -16.71
C LEU A 151 -21.24 -5.94 -17.28
N ASP A 152 -21.89 -5.97 -18.43
CA ASP A 152 -22.15 -7.24 -19.10
C ASP A 152 -21.50 -7.02 -20.46
N LEU A 153 -20.46 -7.82 -20.71
CA LEU A 153 -19.68 -7.69 -21.92
C LEU A 153 -19.48 -9.00 -22.65
N LYS A 154 -19.41 -8.93 -23.97
CA LYS A 154 -19.18 -10.10 -24.79
C LYS A 154 -17.70 -10.21 -25.09
N GLY A 155 -16.95 -9.13 -24.84
CA GLY A 155 -15.50 -9.17 -25.09
C GLY A 155 -14.71 -8.22 -24.19
N LYS A 156 -13.39 -8.42 -24.10
CA LYS A 156 -12.59 -7.54 -23.24
C LYS A 156 -12.68 -6.09 -23.69
N THR A 157 -12.75 -5.21 -22.70
CA THR A 157 -12.93 -3.79 -22.94
C THR A 157 -12.10 -2.95 -21.99
N VAL A 158 -11.46 -1.92 -22.52
CA VAL A 158 -10.65 -1.03 -21.69
C VAL A 158 -11.62 -0.07 -21.04
N VAL A 159 -11.56 0.07 -19.73
CA VAL A 159 -12.47 0.99 -19.06
C VAL A 159 -11.73 2.22 -18.58
N PHE A 160 -10.40 2.17 -18.65
CA PHE A 160 -9.57 3.29 -18.25
C PHE A 160 -8.13 3.14 -18.68
N GLU A 161 -7.53 4.26 -19.08
CA GLU A 161 -6.12 4.29 -19.45
C GLU A 161 -5.61 5.69 -19.21
N GLY A 162 -4.54 5.79 -18.43
CA GLY A 162 -3.98 7.10 -18.13
C GLY A 162 -3.00 7.06 -16.97
N SER A 163 -2.83 8.22 -16.33
CA SER A 163 -1.91 8.39 -15.21
C SER A 163 -2.46 7.80 -13.93
N VAL A 164 -1.59 7.65 -12.94
CA VAL A 164 -2.00 7.12 -11.65
C VAL A 164 -2.94 8.13 -11.00
N GLU A 165 -2.63 9.41 -11.11
CA GLU A 165 -3.48 10.42 -10.50
C GLU A 165 -4.90 10.36 -11.04
N GLU A 166 -5.05 10.22 -12.35
CA GLU A 166 -6.36 10.16 -12.96
C GLU A 166 -7.13 8.90 -12.54
N ALA A 167 -6.42 7.77 -12.46
CA ALA A 167 -7.06 6.51 -12.09
C ALA A 167 -7.53 6.53 -10.64
N SER A 168 -6.74 7.13 -9.77
CA SER A 168 -7.08 7.19 -8.36
C SER A 168 -8.36 8.02 -8.14
N LYS A 169 -8.58 9.00 -9.01
CA LYS A 169 -9.76 9.84 -8.89
C LYS A 169 -11.01 9.08 -9.32
N LEU A 170 -10.92 8.36 -10.45
CA LEU A 170 -12.04 7.61 -10.95
C LEU A 170 -12.28 6.29 -10.22
N PHE A 171 -11.23 5.76 -9.60
CA PHE A 171 -11.34 4.51 -8.86
C PHE A 171 -10.76 4.69 -7.47
N PRO A 172 -11.29 5.64 -6.70
CA PRO A 172 -10.85 5.96 -5.34
C PRO A 172 -10.46 4.72 -4.53
N ARG A 173 -11.02 3.58 -4.94
CA ARG A 173 -10.75 2.30 -4.30
C ARG A 173 -9.32 1.82 -4.57
N ASN A 174 -9.12 1.32 -5.78
CA ASN A 174 -7.85 0.79 -6.25
C ASN A 174 -6.76 1.86 -6.39
N ILE A 175 -5.83 1.60 -7.30
CA ILE A 175 -4.70 2.48 -7.60
C ILE A 175 -3.62 2.60 -6.53
N ASN A 176 -3.64 1.76 -5.50
CA ASN A 176 -2.58 1.88 -4.50
C ASN A 176 -1.28 1.29 -5.04
N VAL A 177 -1.39 0.11 -5.64
CA VAL A 177 -0.23 -0.57 -6.21
C VAL A 177 0.50 0.30 -7.23
N ALA A 178 -0.28 0.99 -8.06
CA ALA A 178 0.31 1.85 -9.07
C ALA A 178 0.99 3.04 -8.41
N SER A 179 0.43 3.54 -7.30
CA SER A 179 1.02 4.69 -6.61
C SER A 179 2.34 4.32 -5.95
N THR A 180 2.45 3.11 -5.45
CA THR A 180 3.70 2.68 -4.82
C THR A 180 4.77 2.62 -5.92
N ILE A 181 4.41 2.05 -7.07
CA ILE A 181 5.33 1.98 -8.19
C ILE A 181 5.69 3.41 -8.57
N GLY A 182 4.71 4.31 -8.51
CA GLY A 182 4.95 5.71 -8.83
C GLY A 182 5.96 6.33 -7.87
N LEU A 183 5.85 5.99 -6.60
CA LEU A 183 6.78 6.50 -5.60
C LEU A 183 8.19 6.04 -5.93
N ILE A 184 8.31 4.80 -6.38
CA ILE A 184 9.61 4.25 -6.70
C ILE A 184 10.29 4.85 -7.94
N VAL A 185 9.59 4.85 -9.07
CA VAL A 185 10.19 5.34 -10.32
C VAL A 185 9.84 6.74 -10.76
N GLY A 186 8.80 7.33 -10.16
CA GLY A 186 8.37 8.67 -10.55
C GLY A 186 7.03 8.47 -11.23
N PHE A 187 6.01 9.20 -10.79
CA PHE A 187 4.68 9.01 -11.38
C PHE A 187 4.55 9.21 -12.88
N GLU A 188 5.36 10.09 -13.45
CA GLU A 188 5.27 10.32 -14.90
C GLU A 188 5.65 9.11 -15.75
N LYS A 189 6.31 8.12 -15.15
CA LYS A 189 6.73 6.94 -15.89
C LYS A 189 5.77 5.77 -15.79
N VAL A 190 4.66 5.95 -15.08
CA VAL A 190 3.68 4.88 -14.89
C VAL A 190 2.38 5.10 -15.69
N LYS A 191 2.00 4.10 -16.47
CA LYS A 191 0.78 4.16 -17.26
C LYS A 191 -0.10 3.04 -16.72
N VAL A 192 -1.32 3.39 -16.33
CA VAL A 192 -2.27 2.42 -15.80
C VAL A 192 -3.38 2.11 -16.79
N THR A 193 -3.67 0.83 -16.96
CA THR A 193 -4.74 0.40 -17.85
C THR A 193 -5.63 -0.55 -17.05
N ILE A 194 -6.94 -0.33 -17.11
CA ILE A 194 -7.87 -1.19 -16.40
C ILE A 194 -8.76 -1.79 -17.47
N VAL A 195 -8.84 -3.11 -17.47
CA VAL A 195 -9.60 -3.85 -18.47
C VAL A 195 -10.67 -4.74 -17.83
N ALA A 196 -11.86 -4.75 -18.41
CA ALA A 196 -12.96 -5.64 -17.94
C ALA A 196 -12.97 -6.77 -18.96
N ASP A 197 -12.72 -8.00 -18.51
CA ASP A 197 -12.65 -9.16 -19.41
C ASP A 197 -13.62 -10.26 -18.96
N PRO A 198 -14.60 -10.59 -19.81
CA PRO A 198 -15.61 -11.63 -19.51
C PRO A 198 -15.08 -13.05 -19.34
N ALA A 199 -13.85 -13.29 -19.77
CA ALA A 199 -13.26 -14.61 -19.63
C ALA A 199 -12.54 -14.77 -18.29
N MET A 200 -12.49 -13.69 -17.50
CA MET A 200 -11.80 -13.72 -16.22
C MET A 200 -12.68 -13.91 -14.99
N ASP A 201 -12.30 -14.88 -14.17
CA ASP A 201 -13.00 -15.24 -12.94
C ASP A 201 -12.63 -14.30 -11.80
N HIS A 202 -11.37 -13.86 -11.79
CA HIS A 202 -10.84 -12.98 -10.75
C HIS A 202 -9.89 -11.91 -11.32
N ASN A 203 -9.46 -10.99 -10.46
CA ASN A 203 -8.56 -9.90 -10.84
C ASN A 203 -7.13 -10.37 -11.07
N ILE A 204 -6.46 -9.77 -12.04
CA ILE A 204 -5.08 -10.09 -12.36
C ILE A 204 -4.33 -8.76 -12.52
N HIS A 205 -3.09 -8.71 -12.06
CA HIS A 205 -2.28 -7.51 -12.19
C HIS A 205 -1.05 -7.93 -12.97
N ILE A 206 -0.75 -7.19 -14.04
CA ILE A 206 0.42 -7.47 -14.85
C ILE A 206 1.24 -6.17 -14.84
N VAL A 207 2.47 -6.26 -14.33
CA VAL A 207 3.35 -5.10 -14.25
C VAL A 207 4.49 -5.35 -15.25
N ARG A 208 4.62 -4.48 -16.24
CA ARG A 208 5.66 -4.62 -17.26
C ARG A 208 6.62 -3.44 -17.09
N ILE A 209 7.89 -3.76 -16.90
CA ILE A 209 8.93 -2.77 -16.68
C ILE A 209 9.95 -2.77 -17.82
N SER A 210 10.23 -1.59 -18.37
CA SER A 210 11.23 -1.46 -19.43
C SER A 210 12.33 -0.60 -18.82
N SER A 211 13.56 -1.09 -18.83
CA SER A 211 14.65 -0.29 -18.27
C SER A 211 15.91 -0.52 -19.08
N ALA A 212 16.92 0.30 -18.81
CA ALA A 212 18.21 0.21 -19.48
C ALA A 212 18.98 -1.02 -18.95
N ILE A 213 18.48 -1.61 -17.87
CA ILE A 213 19.12 -2.77 -17.28
C ILE A 213 18.48 -4.08 -17.77
N GLY A 214 17.25 -4.00 -18.25
CA GLY A 214 16.56 -5.18 -18.74
C GLY A 214 15.05 -4.97 -18.71
N ASN A 215 14.28 -5.98 -19.13
CA ASN A 215 12.83 -5.85 -19.13
C ASN A 215 12.28 -6.90 -18.18
N TYR A 216 11.24 -6.54 -17.45
CA TYR A 216 10.66 -7.43 -16.45
C TYR A 216 9.14 -7.43 -16.50
N GLU A 217 8.54 -8.58 -16.20
CA GLU A 217 7.10 -8.71 -16.18
C GLU A 217 6.73 -9.49 -14.93
N PHE A 218 5.82 -8.95 -14.13
CA PHE A 218 5.36 -9.62 -12.92
C PHE A 218 3.85 -9.77 -13.05
N LYS A 219 3.36 -11.02 -13.05
CA LYS A 219 1.93 -11.27 -13.18
C LYS A 219 1.46 -11.78 -11.83
N ILE A 220 0.49 -11.07 -11.27
CA ILE A 220 -0.05 -11.38 -9.95
C ILE A 220 -1.53 -11.78 -10.05
N GLU A 221 -1.83 -13.00 -9.59
CA GLU A 221 -3.20 -13.48 -9.63
C GLU A 221 -3.54 -13.95 -8.22
N ASN A 222 -3.96 -13.02 -7.37
CA ASN A 222 -4.33 -13.37 -6.00
C ASN A 222 -5.65 -14.14 -6.00
N ILE A 223 -5.83 -15.01 -5.00
CA ILE A 223 -7.06 -15.79 -4.89
C ILE A 223 -8.10 -15.01 -4.09
N SER A 232 -7.48 -8.67 0.96
CA SER A 232 -6.22 -8.93 0.29
C SER A 232 -5.29 -9.67 1.24
N MET A 233 -5.28 -11.00 1.13
CA MET A 233 -4.44 -11.80 2.00
C MET A 233 -2.96 -11.50 1.77
N LEU A 234 -2.58 -11.27 0.52
CA LEU A 234 -1.19 -10.98 0.21
C LEU A 234 -0.70 -9.73 0.92
N THR A 235 -1.54 -8.70 0.97
CA THR A 235 -1.13 -7.45 1.59
C THR A 235 -0.88 -7.63 3.08
N VAL A 236 -1.74 -8.41 3.74
CA VAL A 236 -1.56 -8.67 5.17
C VAL A 236 -0.21 -9.34 5.41
N TYR A 237 0.11 -10.35 4.61
CA TYR A 237 1.37 -11.04 4.79
C TYR A 237 2.55 -10.17 4.37
N SER A 238 2.29 -9.24 3.46
CA SER A 238 3.34 -8.31 3.04
C SER A 238 3.72 -7.46 4.27
N ILE A 239 2.70 -6.98 4.99
CA ILE A 239 2.94 -6.17 6.18
C ILE A 239 3.64 -6.99 7.27
N LEU A 240 3.14 -8.20 7.53
CA LEU A 240 3.75 -9.07 8.55
C LEU A 240 5.22 -9.31 8.25
N ARG A 241 5.58 -9.45 6.98
CA ARG A 241 6.99 -9.68 6.63
C ARG A 241 7.82 -8.43 6.94
N THR A 242 7.29 -7.26 6.61
CA THR A 242 8.00 -6.02 6.90
C THR A 242 8.25 -5.96 8.41
N LEU A 243 7.22 -6.31 9.19
CA LEU A 243 7.32 -6.31 10.66
C LEU A 243 8.35 -7.34 11.11
N ARG A 244 8.25 -8.55 10.55
CA ARG A 244 9.18 -9.60 10.92
C ARG A 244 10.61 -9.21 10.59
N ASN A 245 10.79 -8.50 9.48
CA ASN A 245 12.12 -8.10 9.04
C ASN A 245 12.77 -7.05 9.92
N LEU A 246 11.97 -6.35 10.70
CA LEU A 246 12.49 -5.33 11.60
C LEU A 246 13.49 -5.90 12.58
N GLU A 247 13.26 -7.13 13.03
CA GLU A 247 14.12 -7.79 14.01
C GLU A 247 14.80 -9.09 13.54
N SER A 248 14.40 -9.60 12.39
CA SER A 248 14.96 -10.86 11.88
C SER A 248 16.45 -10.84 11.54
N LYS A 249 17.09 -12.00 11.68
CA LYS A 249 18.51 -12.14 11.35
C LYS A 249 18.69 -12.67 9.93
N ILE A 250 17.58 -12.99 9.28
CA ILE A 250 17.59 -13.51 7.92
C ILE A 250 16.63 -12.70 7.07
N ILE A 251 17.17 -11.90 6.17
CA ILE A 251 16.35 -11.04 5.34
C ILE A 251 16.43 -11.38 3.86
N PHE A 252 15.26 -11.58 3.26
CA PHE A 252 15.15 -11.91 1.84
C PHE A 252 14.59 -10.74 1.06
N GLY A 253 14.96 -10.68 -0.21
CA GLY A 253 14.47 -9.64 -1.10
C GLY A 253 14.95 -8.24 -0.81
PA NAD B . -11.60 -1.60 5.20
O1A NAD B . -12.55 -0.60 4.64
O2A NAD B . -12.10 -2.97 5.32
O5B NAD B . -11.06 -1.09 6.62
C5B NAD B . -10.50 0.21 6.76
C4B NAD B . -10.80 0.72 8.13
O4B NAD B . -10.17 2.00 8.16
C3B NAD B . -12.29 0.95 8.42
O3B NAD B . -12.75 0.26 9.63
C2B NAD B . -12.42 2.48 8.56
O2B NAD B . -13.47 2.96 9.46
C1B NAD B . -11.00 2.87 8.96
N9A NAD B . -10.61 4.27 8.65
C8A NAD B . -10.74 4.89 7.44
N7A NAD B . -10.30 6.16 7.50
C5A NAD B . -9.89 6.29 8.75
C6A NAD B . -9.33 7.46 9.31
N6A NAD B . -9.17 8.55 8.57
N1A NAD B . -8.96 7.41 10.63
C2A NAD B . -9.15 6.28 11.35
N3A NAD B . -9.68 5.16 10.81
C4A NAD B . -10.07 5.13 9.50
O3 NAD B . -10.23 -1.58 4.35
PN NAD B . -9.02 -2.59 4.16
O1N NAD B . -9.35 -3.58 3.10
O2N NAD B . -8.57 -3.13 5.46
O5D NAD B . -7.85 -1.67 3.59
C5D NAD B . -7.29 -0.61 4.35
C4D NAD B . -6.56 0.33 3.38
O4D NAD B . -5.47 -0.38 2.72
C3D NAD B . -7.43 0.94 2.25
O3D NAD B . -7.16 2.35 2.02
C2D NAD B . -7.08 0.12 1.02
O2D NAD B . -7.30 0.77 -0.21
C1D NAD B . -5.61 -0.18 1.30
N1N NAD B . -5.03 -1.36 0.62
C2N NAD B . -3.78 -1.24 -0.03
C3N NAD B . -3.22 -2.35 -0.70
C7N NAD B . -1.84 -2.26 -1.42
O7N NAD B . -1.54 -3.07 -2.29
N7N NAD B . -1.00 -1.27 -1.06
C4N NAD B . -3.94 -3.59 -0.69
C5N NAD B . -5.20 -3.71 -0.03
C6N NAD B . -5.76 -2.60 0.62
#